data_7UEY
#
_entry.id   7UEY
#
_cell.length_a   98.545
_cell.length_b   98.545
_cell.length_c   68.939
_cell.angle_alpha   90.000
_cell.angle_beta   90.000
_cell.angle_gamma   120.000
#
_symmetry.space_group_name_H-M   'P 31 2 1'
#
loop_
_entity.id
_entity.type
_entity.pdbx_description
1 polymer 'Pantothenate kinase 3'
2 non-polymer 'PHOSPHOAMINOPHOSPHONIC ACID-ADENYLATE ESTER'
3 non-polymer N-(4-{2-[4-(6-chloropyridazin-3-yl)piperazin-1-yl]-2-oxoethyl}phenyl)-2-hydroxyacetamide
4 non-polymer 'MAGNESIUM ION'
5 non-polymer 1,2-ETHANEDIOL
6 water water
#
_entity_poly.entity_id   1
_entity_poly.type   'polypeptide(L)'
_entity_poly.pdbx_seq_one_letter_code
;MGSSHHHHHHSSGLVPRGSPWFGMDIGGTLVKLSYFEPIDITAEEEQEEVESLKSIRKYLTSNVAYGSTGIRDVHLELKD
LTLFGRRGNLHFIRFPTQDLPTFIQMGRDKNFSTLQTVLCATGGGAYKFEKDFRTIGNLHLHKLDELDCLVKGLLYIDSV
SFNGQAECYYFANASEPERCQKMPFNLDDPYPLLVVNIGSGVSILAVHSKDNYKRVTGTSLGGGTFLGLCSLLTGCESFE
EALEMASKGDSTQADKLVRDIYGGDYERFGLPGWAVASSFGNMIYKEKRESVSKEDLARATLVTITNNIGSVARMCAVNE
KINRVVFVGNFLRVNTLSMKLLAYALDYWSKGQLKALFLEHEGYFGAVGALLGLPNFSDD
;
_entity_poly.pdbx_strand_id   A
#
loop_
_chem_comp.id
_chem_comp.type
_chem_comp.name
_chem_comp.formula
ANP non-polymer 'PHOSPHOAMINOPHOSPHONIC ACID-ADENYLATE ESTER' 'C10 H17 N6 O12 P3'
EDO non-polymer 1,2-ETHANEDIOL 'C2 H6 O2'
MG non-polymer 'MAGNESIUM ION' 'Mg 2'
N0R non-polymer N-(4-{2-[4-(6-chloropyridazin-3-yl)piperazin-1-yl]-2-oxoethyl}phenyl)-2-hydroxyacetamide 'C18 H20 Cl N5 O3'
#
# COMPACT_ATOMS: atom_id res chain seq x y z
N SER A 19 -18.46 6.73 19.97
CA SER A 19 -17.49 7.34 20.88
C SER A 19 -16.03 6.94 20.56
N PRO A 20 -15.73 5.67 20.26
CA PRO A 20 -14.38 5.35 19.78
C PRO A 20 -14.13 5.95 18.41
N TRP A 21 -12.91 6.46 18.21
CA TRP A 21 -12.55 7.18 16.99
C TRP A 21 -11.83 6.22 16.05
N PHE A 22 -12.51 5.82 14.96
CA PHE A 22 -11.94 4.83 14.02
C PHE A 22 -12.05 5.34 12.58
N GLY A 23 -11.06 5.02 11.76
CA GLY A 23 -11.16 5.31 10.32
C GLY A 23 -10.99 3.97 9.60
N MET A 24 -11.86 3.59 8.67
CA MET A 24 -11.78 2.27 8.08
C MET A 24 -11.76 2.36 6.57
N ASP A 25 -10.80 1.69 5.94
CA ASP A 25 -10.70 1.57 4.49
C ASP A 25 -10.93 0.10 4.15
N ILE A 26 -12.10 -0.22 3.58
CA ILE A 26 -12.44 -1.60 3.23
C ILE A 26 -12.09 -1.77 1.75
N GLY A 27 -10.95 -2.39 1.47
CA GLY A 27 -10.51 -2.57 0.11
C GLY A 27 -10.98 -3.89 -0.47
N GLY A 28 -10.57 -4.12 -1.72
CA GLY A 28 -10.90 -5.37 -2.39
C GLY A 28 -10.23 -6.58 -1.76
N THR A 29 -9.14 -6.36 -1.02
CA THR A 29 -8.43 -7.48 -0.38
C THR A 29 -8.26 -7.30 1.12
N LEU A 30 -7.85 -6.11 1.57
CA LEU A 30 -7.57 -5.88 2.97
C LEU A 30 -8.44 -4.77 3.55
N VAL A 31 -8.83 -4.93 4.80
CA VAL A 31 -9.43 -3.85 5.58
C VAL A 31 -8.31 -3.19 6.38
N LYS A 32 -8.24 -1.88 6.33
CA LYS A 32 -7.29 -1.12 7.13
C LYS A 32 -8.07 -0.28 8.10
N LEU A 33 -7.62 -0.28 9.36
CA LEU A 33 -8.33 0.42 10.42
C LEU A 33 -7.33 1.33 11.13
N SER A 34 -7.66 2.61 11.25
CA SER A 34 -6.91 3.51 12.11
C SER A 34 -7.73 3.78 13.36
N TYR A 35 -7.10 3.69 14.53
CA TYR A 35 -7.78 3.85 15.81
C TYR A 35 -7.00 4.86 16.64
N PHE A 36 -7.68 5.92 17.10
CA PHE A 36 -7.05 6.93 17.94
C PHE A 36 -7.33 6.59 19.40
N GLU A 37 -6.28 6.23 20.14
CA GLU A 37 -6.34 5.92 21.56
C GLU A 37 -6.07 7.18 22.36
N PRO A 38 -7.05 7.76 23.05
CA PRO A 38 -6.76 8.94 23.88
C PRO A 38 -5.86 8.56 25.05
N ILE A 39 -4.89 9.42 25.34
CA ILE A 39 -3.99 9.20 26.47
C ILE A 39 -4.07 10.34 27.49
N ASP A 40 -5.00 11.26 27.31
CA ASP A 40 -5.23 12.37 28.23
C ASP A 40 -6.55 12.22 28.97
N ILE A 41 -6.96 10.99 29.25
CA ILE A 41 -8.23 10.72 29.90
C ILE A 41 -8.15 11.19 31.35
N THR A 42 -9.07 12.07 31.73
CA THR A 42 -9.10 12.58 33.09
C THR A 42 -9.71 11.56 34.05
N ALA A 43 -9.52 11.82 35.34
CA ALA A 43 -10.11 10.96 36.37
C ALA A 43 -11.62 10.92 36.24
N GLU A 44 -12.25 12.06 35.94
CA GLU A 44 -13.70 12.09 35.75
C GLU A 44 -14.11 11.30 34.52
N GLU A 45 -13.39 11.48 33.41
CA GLU A 45 -13.71 10.72 32.21
C GLU A 45 -13.56 9.22 32.43
N GLU A 46 -12.53 8.82 33.19
CA GLU A 46 -12.30 7.40 33.43
C GLU A 46 -13.40 6.80 34.29
N GLN A 47 -13.94 7.58 35.24
CA GLN A 47 -15.02 7.07 36.06
C GLN A 47 -16.33 7.01 35.28
N GLU A 48 -16.55 7.95 34.37
CA GLU A 48 -17.81 8.09 33.66
C GLU A 48 -17.78 7.50 32.26
N GLU A 49 -16.90 6.53 32.02
CA GLU A 49 -16.86 5.84 30.72
C GLU A 49 -17.62 4.52 30.83
N VAL A 50 -18.39 4.20 29.79
CA VAL A 50 -19.18 2.97 29.81
C VAL A 50 -18.25 1.76 29.64
N GLU A 51 -18.67 0.64 30.21
CA GLU A 51 -17.80 -0.54 30.25
C GLU A 51 -17.39 -1.00 28.85
N SER A 52 -18.30 -0.89 27.88
CA SER A 52 -17.98 -1.32 26.52
C SER A 52 -16.84 -0.51 25.93
N LEU A 53 -16.84 0.81 26.18
CA LEU A 53 -15.76 1.65 25.68
C LEU A 53 -14.43 1.29 26.34
N LYS A 54 -14.44 1.02 27.64
CA LYS A 54 -13.23 0.56 28.30
C LYS A 54 -12.79 -0.79 27.73
N SER A 55 -13.75 -1.69 27.49
CA SER A 55 -13.40 -3.02 27.03
C SER A 55 -12.78 -2.98 25.63
N ILE A 56 -13.32 -2.14 24.74
CA ILE A 56 -12.77 -2.08 23.38
C ILE A 56 -11.38 -1.46 23.40
N ARG A 57 -11.17 -0.45 24.25
CA ARG A 57 -9.84 0.17 24.32
C ARG A 57 -8.81 -0.82 24.84
N LYS A 58 -9.17 -1.59 25.89
CA LYS A 58 -8.24 -2.57 26.43
C LYS A 58 -7.97 -3.68 25.43
N TYR A 59 -9.02 -4.16 24.75
CA TYR A 59 -8.84 -5.20 23.74
C TYR A 59 -7.88 -4.75 22.66
N LEU A 60 -8.09 -3.55 22.14
CA LEU A 60 -7.26 -3.07 21.03
C LEU A 60 -5.83 -2.81 21.46
N THR A 61 -5.62 -2.28 22.66
CA THR A 61 -4.28 -1.87 23.06
C THR A 61 -3.50 -2.97 23.80
N SER A 62 -4.17 -4.02 24.28
CA SER A 62 -3.46 -5.10 24.98
C SER A 62 -3.15 -6.28 24.07
N ASN A 63 -3.60 -6.27 22.83
CA ASN A 63 -3.37 -7.35 21.89
C ASN A 63 -2.75 -6.79 20.63
N VAL A 64 -1.88 -7.57 20.00
CA VAL A 64 -1.33 -7.24 18.70
C VAL A 64 -1.84 -8.17 17.60
N ALA A 65 -2.38 -9.32 17.96
CA ALA A 65 -3.11 -10.17 17.05
C ALA A 65 -4.56 -10.19 17.50
N TYR A 66 -5.49 -10.06 16.55
CA TYR A 66 -6.91 -10.04 16.84
C TYR A 66 -7.55 -11.24 16.14
N GLY A 67 -8.06 -12.18 16.93
CA GLY A 67 -8.51 -13.42 16.33
C GLY A 67 -7.38 -14.10 15.58
N SER A 68 -7.72 -14.77 14.49
CA SER A 68 -6.73 -15.50 13.73
C SER A 68 -6.15 -14.72 12.55
N THR A 69 -6.74 -13.59 12.16
CA THR A 69 -6.23 -12.90 10.99
C THR A 69 -6.06 -11.39 11.13
N GLY A 70 -6.40 -10.79 12.27
CA GLY A 70 -6.16 -9.36 12.46
C GLY A 70 -4.79 -9.10 13.07
N ILE A 71 -4.15 -8.02 12.63
CA ILE A 71 -2.80 -7.69 13.07
C ILE A 71 -2.71 -6.19 13.35
N ARG A 72 -2.13 -5.83 14.47
CA ARG A 72 -1.76 -4.44 14.73
C ARG A 72 -0.31 -4.23 14.37
N ASP A 73 -0.07 -3.26 13.48
CA ASP A 73 1.29 -2.94 13.05
C ASP A 73 1.88 -1.97 14.05
N VAL A 74 2.45 -2.52 15.13
CA VAL A 74 2.85 -1.72 16.28
C VAL A 74 3.95 -0.73 15.91
N HIS A 75 4.83 -1.12 14.98
CA HIS A 75 5.95 -0.25 14.60
C HIS A 75 5.48 1.03 13.92
N LEU A 76 4.26 1.06 13.39
CA LEU A 76 3.75 2.25 12.72
C LEU A 76 3.05 3.22 13.67
N GLU A 77 2.86 2.86 14.93
CA GLU A 77 2.09 3.69 15.85
C GLU A 77 2.64 5.10 15.92
N LEU A 78 1.75 6.08 15.80
CA LEU A 78 2.10 7.47 16.08
C LEU A 78 1.78 7.74 17.53
N LYS A 79 2.80 8.09 18.31
CA LYS A 79 2.64 8.29 19.74
C LYS A 79 2.50 9.77 20.06
N ASP A 80 1.56 10.08 20.95
CA ASP A 80 1.36 11.43 21.47
C ASP A 80 1.03 12.42 20.34
N LEU A 81 0.15 11.98 19.46
CA LEU A 81 -0.43 12.82 18.42
C LEU A 81 -1.54 13.67 18.99
N THR A 82 -1.61 14.93 18.57
CA THR A 82 -2.73 15.79 18.91
C THR A 82 -3.72 15.74 17.75
N LEU A 83 -4.94 15.30 18.04
CA LEU A 83 -5.95 15.11 17.01
C LEU A 83 -7.29 15.49 17.59
N PHE A 84 -8.02 16.36 16.88
CA PHE A 84 -9.30 16.89 17.34
C PHE A 84 -9.20 17.48 18.74
N GLY A 85 -8.06 18.08 19.07
CA GLY A 85 -7.88 18.73 20.37
C GLY A 85 -7.57 17.81 21.53
N ARG A 86 -7.36 16.52 21.28
CA ARG A 86 -6.96 15.56 22.31
C ARG A 86 -5.60 14.98 21.95
N ARG A 87 -4.87 14.55 22.97
CA ARG A 87 -3.62 13.83 22.76
C ARG A 87 -3.87 12.33 22.83
N GLY A 88 -3.24 11.59 21.94
CA GLY A 88 -3.40 10.15 21.98
C GLY A 88 -2.41 9.45 21.07
N ASN A 89 -2.60 8.15 20.94
CA ASN A 89 -1.79 7.32 20.07
C ASN A 89 -2.64 6.86 18.90
N LEU A 90 -2.10 6.96 17.69
CA LEU A 90 -2.78 6.51 16.49
C LEU A 90 -2.28 5.12 16.13
N HIS A 91 -3.19 4.15 16.12
CA HIS A 91 -2.86 2.74 15.88
C HIS A 91 -3.29 2.33 14.48
N PHE A 92 -2.59 1.34 13.93
CA PHE A 92 -2.79 0.89 12.56
C PHE A 92 -3.00 -0.61 12.56
N ILE A 93 -4.17 -1.05 12.08
CA ILE A 93 -4.64 -2.43 12.21
C ILE A 93 -5.13 -2.89 10.85
N ARG A 94 -4.85 -4.15 10.50
CA ARG A 94 -5.29 -4.68 9.21
C ARG A 94 -5.83 -6.10 9.36
N PHE A 95 -6.76 -6.46 8.49
CA PHE A 95 -7.26 -7.83 8.41
C PHE A 95 -7.87 -8.04 7.05
N PRO A 96 -8.05 -9.30 6.62
CA PRO A 96 -8.58 -9.52 5.26
C PRO A 96 -10.04 -9.10 5.15
N THR A 97 -10.40 -8.54 3.98
CA THR A 97 -11.79 -8.19 3.76
C THR A 97 -12.69 -9.43 3.86
N GLN A 98 -12.17 -10.61 3.49
CA GLN A 98 -12.91 -11.86 3.63
C GLN A 98 -13.37 -12.12 5.06
N ASP A 99 -12.71 -11.52 6.05
CA ASP A 99 -13.07 -11.71 7.44
C ASP A 99 -13.90 -10.56 8.02
N LEU A 100 -14.33 -9.62 7.18
CA LEU A 100 -15.22 -8.57 7.68
C LEU A 100 -16.46 -9.12 8.37
N PRO A 101 -17.09 -10.21 7.92
CA PRO A 101 -18.19 -10.78 8.73
C PRO A 101 -17.82 -11.05 10.18
N THR A 102 -16.62 -11.55 10.45
CA THR A 102 -16.19 -11.74 11.84
C THR A 102 -16.11 -10.41 12.58
N PHE A 103 -15.55 -9.38 11.93
CA PHE A 103 -15.49 -8.06 12.55
C PHE A 103 -16.88 -7.54 12.87
N ILE A 104 -17.82 -7.66 11.92
CA ILE A 104 -19.16 -7.13 12.16
C ILE A 104 -19.88 -7.93 13.23
N GLN A 105 -19.69 -9.25 13.25
CA GLN A 105 -20.31 -10.06 14.31
C GLN A 105 -19.75 -9.68 15.67
N MET A 106 -18.43 -9.50 15.77
CA MET A 106 -17.84 -9.00 17.01
C MET A 106 -18.42 -7.63 17.38
N GLY A 107 -18.67 -6.78 16.39
CA GLY A 107 -19.29 -5.49 16.64
C GLY A 107 -20.71 -5.56 17.16
N ARG A 108 -21.42 -6.66 16.90
CA ARG A 108 -22.78 -6.84 17.37
C ARG A 108 -22.87 -7.53 18.73
N ASP A 109 -21.74 -7.81 19.37
CA ASP A 109 -21.75 -8.48 20.67
C ASP A 109 -22.43 -7.62 21.73
N THR A 117 -21.43 4.73 18.05
CA THR A 117 -20.23 4.83 17.21
C THR A 117 -20.56 5.46 15.87
N VAL A 118 -19.75 6.43 15.47
CA VAL A 118 -19.82 7.02 14.14
C VAL A 118 -18.63 6.49 13.37
N LEU A 119 -18.90 5.67 12.35
CA LEU A 119 -17.83 5.02 11.60
C LEU A 119 -17.67 5.70 10.26
N CYS A 120 -16.54 6.39 10.09
CA CYS A 120 -16.18 6.92 8.78
C CYS A 120 -15.46 5.81 8.02
N ALA A 121 -16.01 5.43 6.88
CA ALA A 121 -15.52 4.29 6.13
C ALA A 121 -15.31 4.66 4.68
N THR A 122 -14.28 4.08 4.09
CA THR A 122 -13.95 4.35 2.71
C THR A 122 -13.53 3.04 2.05
N GLY A 123 -13.04 3.13 0.82
CA GLY A 123 -12.83 1.98 -0.03
C GLY A 123 -14.15 1.46 -0.59
N GLY A 124 -14.03 0.54 -1.56
CA GLY A 124 -15.23 0.00 -2.18
C GLY A 124 -16.16 -0.69 -1.21
N GLY A 125 -15.58 -1.31 -0.17
CA GLY A 125 -16.39 -2.02 0.80
C GLY A 125 -17.27 -1.12 1.66
N ALA A 126 -16.97 0.19 1.74
CA ALA A 126 -17.89 1.09 2.42
C ALA A 126 -19.25 1.09 1.75
N TYR A 127 -19.27 0.92 0.43
CA TYR A 127 -20.50 0.78 -0.33
C TYR A 127 -21.00 -0.65 -0.36
N LYS A 128 -20.11 -1.59 -0.67
CA LYS A 128 -20.55 -2.98 -0.83
C LYS A 128 -21.16 -3.54 0.46
N PHE A 129 -20.58 -3.18 1.60
CA PHE A 129 -21.03 -3.74 2.88
C PHE A 129 -21.78 -2.71 3.72
N GLU A 130 -22.29 -1.64 3.09
CA GLU A 130 -23.06 -0.65 3.82
C GLU A 130 -24.17 -1.28 4.67
N LYS A 131 -24.98 -2.14 4.06
CA LYS A 131 -26.10 -2.73 4.78
C LYS A 131 -25.63 -3.62 5.93
N ASP A 132 -24.44 -4.22 5.77
CA ASP A 132 -23.89 -5.08 6.83
C ASP A 132 -23.48 -4.25 8.03
N PHE A 133 -22.83 -3.10 7.80
CA PHE A 133 -22.47 -2.24 8.92
C PHE A 133 -23.71 -1.75 9.67
N ARG A 134 -24.81 -1.55 8.97
CA ARG A 134 -26.01 -1.03 9.63
C ARG A 134 -26.75 -2.08 10.45
N THR A 135 -26.32 -3.35 10.40
CA THR A 135 -26.82 -4.36 11.33
C THR A 135 -26.31 -4.10 12.75
N ILE A 136 -25.28 -3.28 12.90
CA ILE A 136 -24.81 -2.86 14.22
C ILE A 136 -25.73 -1.73 14.67
N GLY A 137 -26.54 -2.00 15.68
CA GLY A 137 -27.56 -1.07 16.14
C GLY A 137 -27.08 0.35 16.36
N ASN A 138 -27.81 1.31 15.78
CA ASN A 138 -27.57 2.74 15.97
C ASN A 138 -26.21 3.22 15.45
N LEU A 139 -25.34 2.30 15.02
CA LEU A 139 -24.07 2.72 14.41
C LEU A 139 -24.35 3.58 13.19
N HIS A 140 -23.68 4.72 13.11
CA HIS A 140 -23.86 5.64 11.99
C HIS A 140 -22.68 5.50 11.05
N LEU A 141 -22.96 5.04 9.83
CA LEU A 141 -21.94 4.85 8.80
C LEU A 141 -21.90 6.08 7.91
N HIS A 142 -20.70 6.62 7.67
CA HIS A 142 -20.53 7.74 6.75
C HIS A 142 -19.53 7.29 5.69
N LYS A 143 -19.99 7.20 4.45
CA LYS A 143 -19.14 6.73 3.37
C LYS A 143 -18.35 7.89 2.78
N LEU A 144 -17.05 7.71 2.63
CA LEU A 144 -16.17 8.74 2.08
C LEU A 144 -15.39 8.17 0.92
N ASP A 145 -14.98 9.05 0.00
CA ASP A 145 -14.38 8.57 -1.24
C ASP A 145 -13.00 7.98 -1.03
N GLU A 146 -12.76 6.84 -1.69
CA GLU A 146 -11.53 6.08 -1.51
C GLU A 146 -10.29 6.90 -1.82
N LEU A 147 -10.32 7.67 -2.91
CA LEU A 147 -9.12 8.38 -3.33
C LEU A 147 -8.99 9.73 -2.64
N ASP A 148 -10.10 10.41 -2.35
CA ASP A 148 -10.08 11.58 -1.47
C ASP A 148 -9.41 11.25 -0.14
N CYS A 149 -9.80 10.13 0.48
CA CYS A 149 -9.24 9.76 1.78
C CYS A 149 -7.76 9.44 1.69
N LEU A 150 -7.35 8.76 0.60
CA LEU A 150 -5.94 8.51 0.37
C LEU A 150 -5.14 9.80 0.35
N VAL A 151 -5.58 10.78 -0.45
CA VAL A 151 -4.84 12.04 -0.55
C VAL A 151 -4.80 12.74 0.80
N LYS A 152 -5.96 12.87 1.47
CA LYS A 152 -5.99 13.57 2.75
C LYS A 152 -5.11 12.86 3.79
N GLY A 153 -5.18 11.54 3.86
CA GLY A 153 -4.39 10.82 4.87
C GLY A 153 -2.89 10.93 4.60
N LEU A 154 -2.51 10.84 3.33
CA LEU A 154 -1.10 10.95 2.97
C LEU A 154 -0.54 12.31 3.35
N LEU A 155 -1.24 13.39 2.98
CA LEU A 155 -0.79 14.72 3.33
C LEU A 155 -0.74 14.93 4.83
N TYR A 156 -1.69 14.34 5.55
CA TYR A 156 -1.73 14.53 7.00
C TYR A 156 -0.57 13.82 7.67
N ILE A 157 -0.35 12.54 7.34
CA ILE A 157 0.71 11.80 8.01
C ILE A 157 2.06 12.42 7.72
N ASP A 158 2.29 12.84 6.47
CA ASP A 158 3.57 13.50 6.19
C ASP A 158 3.71 14.81 6.96
N SER A 159 2.59 15.49 7.22
CA SER A 159 2.63 16.77 7.92
C SER A 159 2.96 16.60 9.40
N VAL A 160 2.46 15.53 10.03
CA VAL A 160 2.72 15.36 11.46
C VAL A 160 4.03 14.63 11.74
N SER A 161 4.67 14.06 10.71
CA SER A 161 5.90 13.26 10.80
C SER A 161 5.63 11.89 11.42
N PHE A 162 6.59 10.99 11.26
CA PHE A 162 6.57 9.66 11.85
C PHE A 162 7.37 9.72 13.15
N ASN A 163 6.72 10.18 14.21
CA ASN A 163 7.35 10.35 15.53
C ASN A 163 8.66 11.12 15.41
N GLY A 164 8.62 12.19 14.62
CA GLY A 164 9.76 13.08 14.45
C GLY A 164 10.68 12.71 13.31
N GLN A 165 10.53 11.52 12.73
CA GLN A 165 11.29 11.10 11.57
C GLN A 165 10.49 11.37 10.29
N ALA A 166 11.20 11.33 9.17
CA ALA A 166 10.51 11.50 7.89
C ALA A 166 9.55 10.35 7.63
N GLU A 167 8.34 10.70 7.15
CA GLU A 167 7.41 9.69 6.67
C GLU A 167 7.79 9.20 5.27
N CYS A 168 8.46 10.04 4.48
CA CYS A 168 8.78 9.74 3.09
C CYS A 168 10.25 9.36 2.96
N TYR A 169 10.54 8.38 2.09
CA TYR A 169 11.91 8.00 1.84
C TYR A 169 12.11 7.62 0.38
N TYR A 170 13.37 7.60 -0.02
CA TYR A 170 13.74 7.12 -1.35
C TYR A 170 14.95 6.21 -1.18
N PHE A 171 15.36 5.59 -2.28
CA PHE A 171 16.55 4.77 -2.29
C PHE A 171 17.65 5.52 -3.02
N ALA A 172 18.67 5.94 -2.27
CA ALA A 172 19.78 6.67 -2.85
C ALA A 172 20.63 5.72 -3.69
N ASN A 173 21.14 6.24 -4.81
CA ASN A 173 22.03 5.48 -5.69
C ASN A 173 21.41 4.12 -6.02
N ALA A 174 20.15 4.16 -6.45
CA ALA A 174 19.41 2.94 -6.73
C ALA A 174 20.01 2.14 -7.89
N SER A 175 20.87 2.77 -8.69
CA SER A 175 21.51 2.07 -9.81
C SER A 175 22.65 1.18 -9.36
N GLU A 176 23.13 1.31 -8.13
CA GLU A 176 24.30 0.60 -7.65
C GLU A 176 23.95 -0.17 -6.38
N PRO A 177 24.01 -1.51 -6.39
CA PRO A 177 23.57 -2.25 -5.20
C PRO A 177 24.45 -2.04 -3.99
N GLU A 178 25.77 -1.90 -4.18
CA GLU A 178 26.67 -1.69 -3.05
C GLU A 178 26.46 -0.34 -2.37
N ARG A 179 25.77 0.59 -3.04
CA ARG A 179 25.48 1.90 -2.47
C ARG A 179 24.01 2.13 -2.16
N CYS A 180 23.12 1.35 -2.76
CA CYS A 180 21.69 1.62 -2.68
C CYS A 180 21.20 1.54 -1.24
N GLN A 181 20.68 2.66 -0.73
CA GLN A 181 20.26 2.69 0.66
C GLN A 181 19.06 3.61 0.84
N LYS A 182 18.16 3.17 1.71
CA LYS A 182 16.99 3.95 2.10
C LYS A 182 17.42 5.27 2.75
N MET A 183 16.87 6.39 2.27
CA MET A 183 17.19 7.71 2.83
C MET A 183 15.92 8.54 2.98
N PRO A 184 15.83 9.37 4.04
CA PRO A 184 14.64 10.20 4.21
C PRO A 184 14.52 11.25 3.12
N PHE A 185 13.28 11.65 2.82
CA PHE A 185 12.99 12.60 1.76
C PHE A 185 11.94 13.59 2.25
N ASN A 186 12.16 14.88 2.01
CA ASN A 186 11.28 15.93 2.53
C ASN A 186 10.18 16.25 1.53
N LEU A 187 8.93 16.18 2.00
CA LEU A 187 7.75 16.49 1.20
C LEU A 187 7.01 17.71 1.74
N ASP A 188 7.73 18.71 2.25
CA ASP A 188 7.08 19.83 2.91
C ASP A 188 6.27 20.69 1.95
N ASP A 189 6.67 20.75 0.68
CA ASP A 189 5.88 21.37 -0.38
C ASP A 189 5.56 20.26 -1.38
N PRO A 190 4.55 19.43 -1.08
CA PRO A 190 4.39 18.18 -1.83
C PRO A 190 3.86 18.35 -3.23
N TYR A 191 3.47 19.56 -3.63
CA TYR A 191 2.77 19.62 -4.91
C TYR A 191 3.70 20.11 -6.02
N PRO A 192 3.56 19.57 -7.24
CA PRO A 192 2.61 18.51 -7.57
C PRO A 192 3.20 17.14 -7.28
N LEU A 193 2.36 16.12 -7.28
CA LEU A 193 2.78 14.79 -6.87
C LEU A 193 1.99 13.77 -7.66
N LEU A 194 2.66 12.72 -8.11
CA LEU A 194 1.99 11.57 -8.69
C LEU A 194 1.93 10.47 -7.65
N VAL A 195 0.72 10.03 -7.31
CA VAL A 195 0.52 9.02 -6.28
C VAL A 195 0.07 7.74 -6.98
N VAL A 196 0.84 6.67 -6.79
CA VAL A 196 0.56 5.39 -7.42
C VAL A 196 0.10 4.45 -6.33
N ASN A 197 -1.18 4.13 -6.32
CA ASN A 197 -1.82 3.36 -5.25
C ASN A 197 -1.89 1.92 -5.72
N ILE A 198 -0.97 1.09 -5.22
CA ILE A 198 -0.87 -0.31 -5.65
C ILE A 198 -1.63 -1.14 -4.62
N GLY A 199 -2.93 -1.31 -4.85
CA GLY A 199 -3.76 -2.20 -4.05
C GLY A 199 -3.99 -3.49 -4.81
N SER A 200 -5.20 -4.05 -4.65
CA SER A 200 -5.58 -5.18 -5.50
C SER A 200 -5.39 -4.83 -6.97
N GLY A 201 -5.90 -3.67 -7.35
CA GLY A 201 -5.57 -3.02 -8.60
C GLY A 201 -4.89 -1.69 -8.30
N VAL A 202 -4.53 -0.98 -9.37
CA VAL A 202 -3.70 0.23 -9.27
C VAL A 202 -4.48 1.46 -9.73
N SER A 203 -4.51 2.50 -8.90
CA SER A 203 -5.00 3.81 -9.33
C SER A 203 -3.83 4.78 -9.29
N ILE A 204 -3.77 5.68 -10.28
CA ILE A 204 -2.71 6.68 -10.35
C ILE A 204 -3.35 8.06 -10.30
N LEU A 205 -2.89 8.89 -9.36
CA LEU A 205 -3.45 10.22 -9.12
C LEU A 205 -2.39 11.27 -9.43
N ALA A 206 -2.83 12.37 -10.02
CA ALA A 206 -2.02 13.59 -10.14
C ALA A 206 -2.56 14.58 -9.13
N VAL A 207 -1.75 14.92 -8.12
CA VAL A 207 -2.17 15.80 -7.03
C VAL A 207 -1.52 17.16 -7.25
N HIS A 208 -2.33 18.18 -7.49
CA HIS A 208 -1.81 19.52 -7.73
C HIS A 208 -1.92 20.43 -6.51
N SER A 209 -2.87 20.16 -5.62
CA SER A 209 -3.03 20.89 -4.39
C SER A 209 -3.78 19.99 -3.41
N LYS A 210 -4.02 20.51 -2.19
CA LYS A 210 -4.69 19.72 -1.18
C LYS A 210 -6.09 19.30 -1.62
N ASP A 211 -6.73 20.09 -2.49
CA ASP A 211 -8.09 19.81 -2.94
C ASP A 211 -8.22 19.75 -4.45
N ASN A 212 -7.11 19.62 -5.18
CA ASN A 212 -7.13 19.58 -6.65
C ASN A 212 -6.30 18.39 -7.08
N TYR A 213 -6.96 17.30 -7.47
CA TYR A 213 -6.27 16.13 -7.94
C TYR A 213 -7.18 15.40 -8.92
N LYS A 214 -6.58 14.53 -9.73
CA LYS A 214 -7.35 13.76 -10.69
C LYS A 214 -6.80 12.36 -10.75
N ARG A 215 -7.69 11.39 -11.00
CA ARG A 215 -7.25 10.03 -11.25
C ARG A 215 -6.86 9.94 -12.71
N VAL A 216 -5.55 9.97 -12.98
CA VAL A 216 -5.04 10.02 -14.35
C VAL A 216 -5.46 8.77 -15.11
N THR A 217 -5.25 7.61 -14.49
CA THR A 217 -5.60 6.32 -15.08
C THR A 217 -5.43 5.28 -13.99
N GLY A 218 -5.47 4.01 -14.38
CA GLY A 218 -5.15 2.92 -13.48
C GLY A 218 -4.64 1.76 -14.29
N THR A 219 -4.31 0.68 -13.59
CA THR A 219 -4.02 -0.57 -14.27
C THR A 219 -4.58 -1.72 -13.45
N SER A 220 -5.13 -2.71 -14.15
CA SER A 220 -5.62 -3.88 -13.44
CA SER A 220 -5.63 -3.92 -13.53
C SER A 220 -4.51 -4.87 -13.12
N LEU A 221 -3.27 -4.59 -13.50
CA LEU A 221 -2.16 -5.48 -13.15
C LEU A 221 -1.57 -4.97 -11.86
N GLY A 222 -2.14 -5.40 -10.74
CA GLY A 222 -1.81 -4.86 -9.44
C GLY A 222 -1.37 -5.94 -8.48
N GLY A 223 -1.51 -5.61 -7.19
CA GLY A 223 -1.13 -6.57 -6.16
C GLY A 223 -1.89 -7.87 -6.22
N GLY A 224 -3.16 -7.82 -6.65
CA GLY A 224 -3.95 -9.04 -6.75
C GLY A 224 -3.54 -9.91 -7.92
N THR A 225 -2.99 -9.30 -8.98
CA THR A 225 -2.40 -10.06 -10.08
C THR A 225 -1.13 -10.78 -9.62
N PHE A 226 -0.26 -10.09 -8.88
CA PHE A 226 0.87 -10.79 -8.29
C PHE A 226 0.41 -11.97 -7.45
N LEU A 227 -0.50 -11.73 -6.50
CA LEU A 227 -0.87 -12.78 -5.57
C LEU A 227 -1.67 -13.89 -6.26
N GLY A 228 -2.62 -13.52 -7.13
CA GLY A 228 -3.41 -14.53 -7.82
C GLY A 228 -2.58 -15.37 -8.76
N LEU A 229 -1.75 -14.74 -9.58
CA LEU A 229 -0.92 -15.52 -10.51
C LEU A 229 0.10 -16.35 -9.77
N CYS A 230 0.73 -15.78 -8.73
CA CYS A 230 1.69 -16.55 -7.96
C CYS A 230 1.03 -17.77 -7.35
N SER A 231 -0.18 -17.62 -6.82
CA SER A 231 -0.86 -18.76 -6.22
C SER A 231 -1.15 -19.84 -7.26
N LEU A 232 -1.57 -19.43 -8.45
CA LEU A 232 -1.84 -20.41 -9.50
C LEU A 232 -0.57 -21.11 -9.95
N LEU A 233 0.52 -20.36 -10.09
CA LEU A 233 1.74 -20.91 -10.66
C LEU A 233 2.59 -21.70 -9.68
N THR A 234 2.54 -21.35 -8.38
CA THR A 234 3.44 -21.93 -7.40
C THR A 234 2.75 -22.66 -6.26
N GLY A 235 1.44 -22.47 -6.08
CA GLY A 235 0.79 -23.06 -4.94
C GLY A 235 1.05 -22.35 -3.62
N CYS A 236 1.66 -21.16 -3.64
CA CYS A 236 1.86 -20.42 -2.40
C CYS A 236 0.52 -20.12 -1.77
N GLU A 237 0.51 -20.04 -0.43
CA GLU A 237 -0.73 -19.87 0.32
C GLU A 237 -0.81 -18.54 1.05
N SER A 238 0.14 -17.64 0.83
CA SER A 238 0.08 -16.32 1.44
C SER A 238 0.97 -15.38 0.65
N PHE A 239 0.69 -14.07 0.81
CA PHE A 239 1.52 -13.04 0.21
C PHE A 239 2.97 -13.16 0.67
N GLU A 240 3.16 -13.40 1.97
CA GLU A 240 4.51 -13.48 2.48
C GLU A 240 5.24 -14.70 1.91
N GLU A 241 4.53 -15.83 1.74
CA GLU A 241 5.17 -16.99 1.12
C GLU A 241 5.54 -16.70 -0.33
N ALA A 242 4.66 -16.00 -1.05
CA ALA A 242 4.96 -15.60 -2.43
C ALA A 242 6.24 -14.80 -2.52
N LEU A 243 6.42 -13.84 -1.59
CA LEU A 243 7.62 -13.02 -1.59
C LEU A 243 8.86 -13.82 -1.23
N GLU A 244 8.73 -14.74 -0.27
CA GLU A 244 9.84 -15.60 0.11
C GLU A 244 10.29 -16.44 -1.08
N MET A 245 9.33 -17.01 -1.81
CA MET A 245 9.68 -17.75 -3.02
C MET A 245 10.39 -16.86 -4.02
N ALA A 246 9.87 -15.65 -4.23
CA ALA A 246 10.43 -14.75 -5.24
C ALA A 246 11.85 -14.34 -4.89
N SER A 247 12.13 -14.17 -3.59
CA SER A 247 13.49 -13.80 -3.17
C SER A 247 14.52 -14.86 -3.53
N LYS A 248 14.09 -16.11 -3.73
CA LYS A 248 14.99 -17.21 -4.04
C LYS A 248 15.05 -17.52 -5.52
N GLY A 249 14.23 -16.86 -6.34
CA GLY A 249 14.11 -17.23 -7.73
C GLY A 249 14.96 -16.39 -8.67
N ASP A 250 14.96 -16.81 -9.93
CA ASP A 250 15.66 -16.13 -11.01
C ASP A 250 14.65 -15.90 -12.12
N SER A 251 14.17 -14.66 -12.26
CA SER A 251 13.13 -14.38 -13.25
C SER A 251 13.62 -14.63 -14.68
N THR A 252 14.92 -14.54 -14.93
CA THR A 252 15.39 -14.73 -16.30
C THR A 252 15.23 -16.16 -16.79
N GLN A 253 14.92 -17.11 -15.89
CA GLN A 253 14.60 -18.46 -16.32
C GLN A 253 13.23 -18.53 -17.00
N ALA A 254 12.34 -17.58 -16.71
CA ALA A 254 11.02 -17.53 -17.33
C ALA A 254 10.89 -16.46 -18.40
N ASP A 255 11.56 -15.34 -18.22
CA ASP A 255 11.45 -14.20 -19.13
C ASP A 255 12.39 -14.35 -20.31
N LYS A 256 11.95 -13.86 -21.47
CA LYS A 256 12.79 -13.77 -22.66
C LYS A 256 13.40 -12.36 -22.70
N LEU A 257 14.72 -12.29 -22.64
CA LEU A 257 15.40 -11.01 -22.57
C LEU A 257 15.76 -10.49 -23.96
N VAL A 258 16.08 -9.19 -24.02
CA VAL A 258 16.58 -8.65 -25.28
C VAL A 258 17.76 -9.46 -25.80
N ARG A 259 18.66 -9.89 -24.90
CA ARG A 259 19.81 -10.65 -25.38
C ARG A 259 19.42 -12.03 -25.90
N ASP A 260 18.27 -12.56 -25.48
CA ASP A 260 17.78 -13.82 -26.04
C ASP A 260 17.30 -13.66 -27.47
N ILE A 261 16.94 -12.45 -27.89
CA ILE A 261 16.45 -12.19 -29.22
C ILE A 261 17.55 -11.67 -30.14
N TYR A 262 18.43 -10.80 -29.60
CA TYR A 262 19.48 -10.15 -30.38
C TYR A 262 20.85 -10.80 -30.19
N GLY A 263 21.03 -11.61 -29.15
CA GLY A 263 22.36 -12.06 -28.80
C GLY A 263 23.17 -11.02 -28.04
N GLY A 264 22.53 -9.94 -27.60
CA GLY A 264 23.22 -8.81 -27.00
C GLY A 264 22.26 -7.66 -26.85
N ASP A 265 22.81 -6.44 -26.78
CA ASP A 265 21.95 -5.26 -26.74
C ASP A 265 21.23 -5.07 -28.07
N TYR A 266 20.11 -4.35 -28.04
CA TYR A 266 19.53 -3.76 -29.25
C TYR A 266 20.03 -2.31 -29.25
N GLU A 267 21.15 -2.07 -29.92
CA GLU A 267 21.91 -0.84 -29.68
C GLU A 267 21.23 0.37 -30.31
N ARG A 268 20.61 0.20 -31.47
CA ARG A 268 20.03 1.34 -32.17
C ARG A 268 19.01 2.08 -31.29
N PHE A 269 18.28 1.37 -30.43
CA PHE A 269 17.31 2.03 -29.56
C PHE A 269 17.74 2.00 -28.11
N GLY A 270 19.01 1.74 -27.85
CA GLY A 270 19.53 1.81 -26.49
C GLY A 270 18.87 0.86 -25.53
N LEU A 271 18.50 -0.34 -25.99
CA LEU A 271 17.87 -1.31 -25.12
C LEU A 271 18.92 -2.30 -24.64
N PRO A 272 19.19 -2.38 -23.35
CA PRO A 272 20.25 -3.27 -22.87
C PRO A 272 19.85 -4.73 -23.02
N GLY A 273 20.86 -5.59 -23.18
CA GLY A 273 20.57 -7.01 -23.35
C GLY A 273 19.84 -7.62 -22.16
N TRP A 274 20.03 -7.06 -20.97
CA TRP A 274 19.36 -7.58 -19.77
C TRP A 274 17.90 -7.16 -19.65
N ALA A 275 17.45 -6.21 -20.45
CA ALA A 275 16.06 -5.78 -20.38
C ALA A 275 15.14 -6.93 -20.77
N VAL A 276 13.98 -7.02 -20.10
CA VAL A 276 13.01 -8.04 -20.46
C VAL A 276 12.29 -7.61 -21.74
N ALA A 277 12.37 -8.45 -22.78
CA ALA A 277 11.60 -8.20 -23.99
C ALA A 277 10.22 -8.83 -23.90
N SER A 278 10.12 -10.03 -23.31
CA SER A 278 8.84 -10.72 -23.21
C SER A 278 8.74 -11.40 -21.85
N SER A 279 7.91 -10.86 -20.97
CA SER A 279 7.67 -11.48 -19.67
C SER A 279 7.08 -12.87 -19.85
N PHE A 280 7.63 -13.87 -19.15
CA PHE A 280 7.24 -15.27 -19.29
C PHE A 280 7.47 -15.80 -20.71
N GLY A 281 8.22 -15.08 -21.53
CA GLY A 281 8.34 -15.44 -22.93
C GLY A 281 9.15 -16.70 -23.18
N ASN A 282 10.00 -17.10 -22.22
CA ASN A 282 10.68 -18.37 -22.39
C ASN A 282 9.82 -19.56 -21.99
N MET A 283 8.62 -19.31 -21.46
CA MET A 283 7.71 -20.40 -21.11
C MET A 283 6.88 -20.89 -22.28
N ILE A 284 7.14 -20.41 -23.50
CA ILE A 284 6.52 -21.02 -24.67
C ILE A 284 7.19 -22.33 -25.07
N TYR A 285 8.34 -22.62 -24.49
CA TYR A 285 9.10 -23.83 -24.81
C TYR A 285 8.84 -24.88 -23.73
N LYS A 286 8.35 -26.05 -24.15
CA LYS A 286 7.94 -27.06 -23.19
C LYS A 286 9.08 -27.47 -22.27
N GLU A 287 10.28 -27.67 -22.83
CA GLU A 287 11.39 -28.11 -21.99
C GLU A 287 11.76 -27.05 -20.95
N LYS A 288 11.54 -25.77 -21.26
CA LYS A 288 11.82 -24.75 -20.25
C LYS A 288 10.75 -24.74 -19.17
N ARG A 289 9.48 -24.95 -19.54
CA ARG A 289 8.43 -25.07 -18.53
C ARG A 289 8.71 -26.21 -17.58
N GLU A 290 9.34 -27.27 -18.08
CA GLU A 290 9.60 -28.45 -17.26
C GLU A 290 10.81 -28.28 -16.35
N SER A 291 11.66 -27.28 -16.59
CA SER A 291 12.84 -27.09 -15.75
C SER A 291 12.72 -25.90 -14.81
N VAL A 292 11.78 -24.98 -15.06
CA VAL A 292 11.67 -23.78 -14.25
C VAL A 292 11.18 -24.15 -12.85
N SER A 293 11.65 -23.40 -11.85
CA SER A 293 11.25 -23.67 -10.48
C SER A 293 10.09 -22.77 -10.07
N LYS A 294 9.37 -23.19 -9.03
CA LYS A 294 8.33 -22.34 -8.47
C LYS A 294 8.90 -20.99 -8.04
N GLU A 295 10.10 -20.99 -7.47
CA GLU A 295 10.72 -19.74 -7.04
C GLU A 295 11.00 -18.83 -8.24
N ASP A 296 11.50 -19.39 -9.35
CA ASP A 296 11.69 -18.62 -10.57
C ASP A 296 10.37 -18.00 -11.04
N LEU A 297 9.29 -18.78 -11.00
CA LEU A 297 8.00 -18.28 -11.44
C LEU A 297 7.48 -17.18 -10.52
N ALA A 298 7.68 -17.33 -9.20
CA ALA A 298 7.29 -16.26 -8.28
C ALA A 298 8.05 -14.98 -8.57
N ARG A 299 9.36 -15.09 -8.80
CA ARG A 299 10.14 -13.89 -9.07
C ARG A 299 9.76 -13.28 -10.41
N ALA A 300 9.53 -14.10 -11.44
CA ALA A 300 9.08 -13.53 -12.71
C ALA A 300 7.74 -12.82 -12.56
N THR A 301 6.84 -13.37 -11.73
CA THR A 301 5.56 -12.68 -11.54
C THR A 301 5.78 -11.33 -10.86
N LEU A 302 6.61 -11.32 -9.81
CA LEU A 302 6.89 -10.07 -9.11
C LEU A 302 7.53 -9.05 -10.05
N VAL A 303 8.53 -9.47 -10.81
CA VAL A 303 9.24 -8.55 -11.70
C VAL A 303 8.31 -8.01 -12.78
N THR A 304 7.50 -8.89 -13.37
CA THR A 304 6.56 -8.49 -14.42
C THR A 304 5.59 -7.43 -13.93
N ILE A 305 4.95 -7.69 -12.79
CA ILE A 305 3.95 -6.76 -12.26
C ILE A 305 4.62 -5.45 -11.85
N THR A 306 5.77 -5.54 -11.18
CA THR A 306 6.44 -4.33 -10.69
C THR A 306 6.91 -3.45 -11.84
N ASN A 307 7.55 -4.04 -12.85
CA ASN A 307 8.01 -3.23 -13.98
C ASN A 307 6.85 -2.59 -14.73
N ASN A 308 5.73 -3.30 -14.83
CA ASN A 308 4.61 -2.73 -15.57
C ASN A 308 4.04 -1.53 -14.82
N ILE A 309 3.95 -1.63 -13.50
CA ILE A 309 3.50 -0.49 -12.70
C ILE A 309 4.47 0.67 -12.83
N GLY A 310 5.78 0.39 -12.76
CA GLY A 310 6.76 1.44 -12.92
C GLY A 310 6.65 2.12 -14.27
N SER A 311 6.41 1.33 -15.32
CA SER A 311 6.35 1.90 -16.66
C SER A 311 5.11 2.77 -16.84
N VAL A 312 3.96 2.30 -16.37
CA VAL A 312 2.74 3.11 -16.43
C VAL A 312 2.92 4.38 -15.61
N ALA A 313 3.51 4.28 -14.42
CA ALA A 313 3.79 5.47 -13.63
C ALA A 313 4.69 6.44 -14.38
N ARG A 314 5.73 5.92 -15.03
CA ARG A 314 6.64 6.79 -15.77
C ARG A 314 5.90 7.51 -16.89
N MET A 315 5.09 6.80 -17.67
CA MET A 315 4.35 7.44 -18.74
C MET A 315 3.40 8.50 -18.19
N CYS A 316 2.76 8.23 -17.05
CA CYS A 316 1.82 9.20 -16.50
C CYS A 316 2.56 10.44 -15.99
N ALA A 317 3.71 10.24 -15.35
CA ALA A 317 4.48 11.39 -14.88
C ALA A 317 4.95 12.27 -16.04
N VAL A 318 5.38 11.64 -17.14
CA VAL A 318 5.82 12.45 -18.28
C VAL A 318 4.66 13.26 -18.84
N ASN A 319 3.50 12.64 -18.98
CA ASN A 319 2.34 13.34 -19.54
C ASN A 319 1.82 14.41 -18.60
N GLU A 320 1.89 14.17 -17.28
CA GLU A 320 1.44 15.15 -16.31
C GLU A 320 2.49 16.20 -15.98
N LYS A 321 3.72 16.03 -16.48
CA LYS A 321 4.84 16.91 -16.17
C LYS A 321 5.06 17.01 -14.66
N ILE A 322 5.10 15.85 -14.01
CA ILE A 322 5.36 15.70 -12.59
C ILE A 322 6.59 14.82 -12.44
N ASN A 323 7.56 15.23 -11.62
CA ASN A 323 8.78 14.44 -11.49
C ASN A 323 8.91 13.70 -10.17
N ARG A 324 7.98 13.88 -9.23
CA ARG A 324 7.96 13.13 -7.98
C ARG A 324 6.85 12.11 -8.03
N VAL A 325 7.21 10.83 -7.94
CA VAL A 325 6.26 9.72 -8.04
C VAL A 325 6.32 8.95 -6.74
N VAL A 326 5.22 8.94 -5.98
CA VAL A 326 5.19 8.25 -4.70
C VAL A 326 4.33 7.00 -4.83
N PHE A 327 4.86 5.88 -4.36
CA PHE A 327 4.17 4.60 -4.44
C PHE A 327 3.62 4.24 -3.07
N VAL A 328 2.34 3.86 -3.02
CA VAL A 328 1.69 3.47 -1.77
C VAL A 328 0.89 2.19 -2.04
N GLY A 329 0.22 1.71 -1.01
CA GLY A 329 -0.54 0.47 -1.13
C GLY A 329 0.23 -0.72 -0.57
N ASN A 330 -0.50 -1.79 -0.27
CA ASN A 330 0.15 -2.85 0.49
C ASN A 330 0.86 -3.86 -0.39
N PHE A 331 0.79 -3.74 -1.73
CA PHE A 331 1.70 -4.54 -2.55
C PHE A 331 3.15 -4.38 -2.11
N LEU A 332 3.53 -3.20 -1.60
CA LEU A 332 4.90 -2.93 -1.22
C LEU A 332 5.19 -3.22 0.25
N ARG A 333 4.18 -3.63 1.02
CA ARG A 333 4.40 -4.06 2.40
C ARG A 333 5.40 -5.22 2.45
N VAL A 334 6.38 -5.13 3.35
CA VAL A 334 7.52 -6.06 3.52
C VAL A 334 8.08 -6.54 2.19
N ASN A 335 8.15 -5.64 1.21
CA ASN A 335 8.49 -6.00 -0.17
C ASN A 335 9.60 -5.07 -0.65
N THR A 336 10.79 -5.21 -0.05
CA THR A 336 11.90 -4.36 -0.47
C THR A 336 12.35 -4.67 -1.89
N LEU A 337 12.14 -5.91 -2.34
CA LEU A 337 12.50 -6.26 -3.71
C LEU A 337 11.79 -5.38 -4.72
N SER A 338 10.46 -5.28 -4.61
CA SER A 338 9.70 -4.44 -5.53
C SER A 338 10.06 -2.96 -5.35
N MET A 339 10.29 -2.51 -4.11
CA MET A 339 10.63 -1.11 -3.93
C MET A 339 11.94 -0.76 -4.63
N LYS A 340 12.96 -1.61 -4.45
CA LYS A 340 14.25 -1.31 -5.07
C LYS A 340 14.16 -1.43 -6.58
N LEU A 341 13.37 -2.39 -7.07
CA LEU A 341 13.17 -2.50 -8.52
C LEU A 341 12.52 -1.23 -9.07
N LEU A 342 11.48 -0.73 -8.38
CA LEU A 342 10.85 0.52 -8.80
C LEU A 342 11.84 1.67 -8.76
N ALA A 343 12.62 1.76 -7.69
CA ALA A 343 13.61 2.84 -7.57
C ALA A 343 14.61 2.78 -8.73
N TYR A 344 15.12 1.60 -9.01
CA TYR A 344 16.11 1.44 -10.07
C TYR A 344 15.50 1.70 -11.43
N ALA A 345 14.34 1.08 -11.68
CA ALA A 345 13.76 1.14 -13.03
C ALA A 345 13.29 2.55 -13.36
N LEU A 346 12.67 3.26 -12.40
CA LEU A 346 12.21 4.62 -12.69
C LEU A 346 13.39 5.52 -13.00
N ASP A 347 14.45 5.41 -12.22
CA ASP A 347 15.65 6.19 -12.48
C ASP A 347 16.29 5.82 -13.81
N TYR A 348 16.41 4.52 -14.09
CA TYR A 348 17.09 4.10 -15.32
C TYR A 348 16.31 4.52 -16.56
N TRP A 349 15.03 4.13 -16.64
CA TRP A 349 14.29 4.37 -17.87
C TRP A 349 13.93 5.84 -18.06
N SER A 350 13.90 6.64 -17.00
CA SER A 350 13.67 8.08 -17.16
C SER A 350 14.96 8.87 -17.31
N LYS A 351 16.10 8.18 -17.44
CA LYS A 351 17.40 8.83 -17.52
C LYS A 351 17.59 9.82 -16.36
N GLY A 352 17.15 9.43 -15.18
CA GLY A 352 17.33 10.24 -13.98
C GLY A 352 16.37 11.38 -13.79
N GLN A 353 15.33 11.50 -14.62
CA GLN A 353 14.41 12.62 -14.53
C GLN A 353 13.30 12.39 -13.51
N LEU A 354 13.05 11.14 -13.12
CA LEU A 354 12.00 10.80 -12.18
C LEU A 354 12.61 10.11 -10.96
N LYS A 355 12.00 10.36 -9.80
CA LYS A 355 12.47 9.79 -8.55
C LYS A 355 11.33 9.01 -7.92
N ALA A 356 11.59 7.76 -7.56
CA ALA A 356 10.60 6.94 -6.86
C ALA A 356 10.63 7.24 -5.37
N LEU A 357 9.47 7.55 -4.81
CA LEU A 357 9.34 7.86 -3.39
C LEU A 357 8.44 6.83 -2.73
N PHE A 358 8.68 6.61 -1.44
CA PHE A 358 7.95 5.61 -0.67
C PHE A 358 7.57 6.23 0.67
N LEU A 359 6.53 5.68 1.31
CA LEU A 359 6.03 6.21 2.57
C LEU A 359 5.93 5.10 3.61
N GLU A 360 6.29 5.41 4.87
CA GLU A 360 6.31 4.36 5.88
C GLU A 360 4.91 3.78 6.17
N HIS A 361 3.85 4.57 6.05
CA HIS A 361 2.46 4.17 6.37
C HIS A 361 1.72 3.96 5.05
N GLU A 362 2.37 3.35 4.07
CA GLU A 362 1.82 3.28 2.67
C GLU A 362 0.43 2.64 2.56
N GLY A 363 0.11 1.62 3.37
CA GLY A 363 -1.18 1.01 3.17
C GLY A 363 -2.33 1.66 3.92
N TYR A 364 -2.06 2.59 4.82
CA TYR A 364 -3.05 3.06 5.77
C TYR A 364 -3.60 4.44 5.47
N PHE A 365 -3.21 5.07 4.37
CA PHE A 365 -3.59 6.48 4.20
C PHE A 365 -5.09 6.65 4.07
N GLY A 366 -5.77 5.77 3.34
CA GLY A 366 -7.22 5.90 3.23
C GLY A 366 -7.90 5.82 4.59
N ALA A 367 -7.46 4.89 5.44
CA ALA A 367 -8.07 4.76 6.76
C ALA A 367 -7.88 6.02 7.59
N VAL A 368 -6.69 6.65 7.51
CA VAL A 368 -6.45 7.90 8.22
C VAL A 368 -7.33 9.01 7.65
N GLY A 369 -7.38 9.12 6.32
CA GLY A 369 -8.24 10.14 5.72
C GLY A 369 -9.69 10.00 6.12
N ALA A 370 -10.17 8.76 6.24
CA ALA A 370 -11.53 8.52 6.74
C ALA A 370 -11.69 9.05 8.16
N LEU A 371 -10.76 8.70 9.06
CA LEU A 371 -10.84 9.20 10.43
C LEU A 371 -10.85 10.72 10.46
N LEU A 372 -10.09 11.35 9.57
CA LEU A 372 -10.04 12.81 9.53
C LEU A 372 -11.37 13.44 9.13
N GLY A 373 -12.29 12.67 8.53
CA GLY A 373 -13.60 13.20 8.20
C GLY A 373 -14.58 13.26 9.35
N LEU A 374 -14.20 12.74 10.52
CA LEU A 374 -15.11 12.68 11.65
C LEU A 374 -15.71 14.04 12.04
N PRO A 375 -14.95 15.15 12.09
CA PRO A 375 -15.56 16.43 12.49
C PRO A 375 -16.72 16.88 11.60
N ASN A 376 -16.80 16.39 10.36
CA ASN A 376 -17.87 16.81 9.45
C ASN A 376 -19.21 16.15 9.77
N PHE A 377 -19.32 15.42 10.88
CA PHE A 377 -20.55 14.72 11.18
C PHE A 377 -20.96 14.90 12.64
PG ANP B . -8.32 -1.90 -3.60
O1G ANP B . -9.77 -2.04 -3.50
O2G ANP B . -7.94 -2.21 -5.09
O3G ANP B . -7.79 -0.51 -3.24
PB ANP B . -6.99 -2.96 -1.24
O1B ANP B . -7.26 -1.61 -0.68
O2B ANP B . -7.41 -4.12 -0.34
N3B ANP B . -7.57 -3.14 -2.75
PA ANP B . -4.16 -2.84 -0.45
O1A ANP B . -3.58 -1.44 -0.62
O2A ANP B . -4.54 -3.19 0.98
O3A ANP B . -5.41 -3.07 -1.43
O5' ANP B . -3.09 -3.87 -1.05
C5' ANP B . -3.46 -5.21 -1.30
C4' ANP B . -2.22 -5.94 -1.82
O4' ANP B . -1.26 -5.98 -0.76
C3' ANP B . -2.51 -7.39 -2.18
O3' ANP B . -2.90 -7.42 -3.55
C2' ANP B . -1.12 -8.05 -2.00
O2' ANP B . -0.29 -7.89 -3.16
C1' ANP B . -0.50 -7.18 -0.86
N9 ANP B . -0.52 -7.77 0.48
C8 ANP B . 0.36 -7.44 1.44
N7 ANP B . 0.09 -8.10 2.57
C5 ANP B . -0.98 -8.88 2.34
C6 ANP B . -1.70 -9.81 3.12
N6 ANP B . -1.35 -10.05 4.43
N1 ANP B . -2.74 -10.44 2.58
C2 ANP B . -3.07 -10.19 1.32
N3 ANP B . -2.44 -9.36 0.52
C4 ANP B . -1.40 -8.69 0.99
PG ANP C . -23.54 8.62 4.31
O1G ANP C . -24.51 9.03 3.28
O2G ANP C . -22.44 7.78 3.59
O3G ANP C . -22.86 9.83 5.01
PB ANP C . -25.84 7.83 5.71
O1B ANP C . -26.54 7.95 4.43
O2B ANP C . -26.38 6.62 6.52
N3B ANP C . -24.24 7.63 5.48
PA ANP C . -26.95 10.48 6.40
O1A ANP C . -26.36 11.56 7.31
O2A ANP C . -26.77 10.87 4.94
O3A ANP C . -26.17 9.09 6.65
O5' ANP C . -28.52 10.29 6.72
C5' ANP C . -29.04 9.42 7.73
C4' ANP C . -30.57 9.41 7.71
O4' ANP C . -31.11 10.75 7.75
C3' ANP C . -31.09 8.77 6.40
O3' ANP C . -31.29 7.37 6.59
C2' ANP C . -32.44 9.48 6.23
O2' ANP C . -33.47 8.85 7.00
C1' ANP C . -32.13 10.92 6.78
N9 ANP C . -31.68 11.82 5.72
C8 ANP C . -31.11 11.46 4.52
N7 ANP C . -30.82 12.55 3.81
C5 ANP C . -31.19 13.64 4.52
C6 ANP C . -31.13 15.04 4.29
N6 ANP C . -30.61 15.53 3.11
N1 ANP C . -31.58 15.88 5.21
C2 ANP C . -32.08 15.38 6.33
N3 ANP C . -32.17 14.10 6.61
C4 ANP C . -31.74 13.20 5.75
C11 N0R D . -7.51 -0.33 -16.52
C12 N0R D . -8.24 -0.44 -17.85
C01 N0R D . -7.68 2.10 -16.65
C02 N0R D . -8.41 1.96 -17.97
C04 N0R D . -9.47 0.11 -9.79
C05 N0R D . -8.14 -0.16 -10.07
C06 N0R D . -7.75 -0.33 -11.38
C07 N0R D . -8.69 -0.23 -12.40
C08 N0R D . -8.21 -0.43 -13.83
C09 N0R D . -8.14 0.92 -14.52
C14 N0R D . -7.74 0.74 -20.02
C17 N0R D . -7.55 0.81 -22.60
C20 N0R D . -7.83 -0.44 -22.07
C21 N0R D . -7.94 -0.48 -20.66
C23 N0R D . -9.50 -0.35 -7.26
C24 N0R D . -10.17 0.08 -5.96
C25 N0R D . -10.01 0.05 -12.13
C26 N0R D . -10.40 0.23 -10.81
N10 N0R D . -7.78 0.91 -15.91
N13 N0R D . -7.84 0.76 -18.60
N15 N0R D . -7.47 1.86 -20.59
N16 N0R D . -7.38 1.88 -21.91
N22 N0R D . -9.95 0.34 -8.45
O01 N0R D . -8.66 -1.18 -7.32
O02 N0R D . -11.09 1.09 -6.29
O24 N0R D . -8.36 1.95 -13.99
CL11 N0R D . -7.41 0.95 -24.34
MG MG E . -7.31 0.30 -1.43
MG MG F . -26.59 9.28 2.81
C1 EDO G . -3.58 -9.93 7.91
O1 EDO G . -2.91 -10.96 7.16
C2 EDO G . -4.07 -8.85 6.96
O2 EDO G . -2.95 -8.28 6.26
C1 EDO H . 21.83 -2.94 -33.88
O1 EDO H . 20.86 -2.05 -33.31
C2 EDO H . 21.81 -4.26 -33.12
O2 EDO H . 22.17 -4.05 -31.75
C1 EDO I . -13.97 -9.20 -2.35
O1 EDO I . -13.73 -8.30 -3.45
C2 EDO I . -14.06 -8.37 -1.08
O2 EDO I . -15.12 -7.42 -1.20
C1 EDO J . 3.40 -23.12 -26.34
O1 EDO J . 4.22 -22.93 -27.50
C2 EDO J . 3.20 -24.60 -26.04
O2 EDO J . 4.43 -25.35 -25.98
#